data_4DS2
#
_entry.id   4DS2
#
_cell.length_a   60.139
_cell.length_b   70.376
_cell.length_c   99.117
_cell.angle_alpha   90.000
_cell.angle_beta   90.000
_cell.angle_gamma   90.000
#
_symmetry.space_group_name_H-M   'P 21 21 21'
#
loop_
_entity.id
_entity.type
_entity.pdbx_description
1 polymer 'Ubiquitin-conjugating enzyme E2, putative'
2 water water
#
_entity_poly.entity_id   1
_entity_poly.type   'polypeptide(L)'
_entity_poly.pdbx_seq_one_letter_code
;GPGSMKNISNKRIIKDLKLLLEEVDANNEANSSGSPHSTAIFSVDTDTIYNWILKVKAPADSVYGGAGNTYQLSVLFSDD
YPHEPPTVRFVTPVYSPLVTGEGGICDRMVNDFWTPDQHASDVIKLVLDRVFSQYKSRRDDDVNPEARHYLEKFPQDFAA
RVRRGRG
;
_entity_poly.pdbx_strand_id   A,B
#
# COMPACT_ATOMS: atom_id res chain seq x y z
N MET A 5 -21.36 7.24 -2.36
CA MET A 5 -20.43 8.23 -1.74
C MET A 5 -20.56 9.56 -2.51
N LYS A 6 -20.38 10.70 -1.82
CA LYS A 6 -20.41 12.03 -2.45
C LYS A 6 -19.37 12.94 -1.78
N ASN A 7 -18.85 13.94 -2.50
CA ASN A 7 -17.76 14.85 -2.04
C ASN A 7 -18.36 16.17 -1.58
N ILE A 8 -18.65 16.21 -0.27
CA ILE A 8 -19.62 17.12 0.38
C ILE A 8 -18.95 17.80 1.59
N SER A 9 -19.28 19.06 1.98
CA SER A 9 -18.70 19.64 3.25
C SER A 9 -19.09 18.70 4.40
N ASN A 10 -18.13 18.35 5.27
CA ASN A 10 -18.37 17.70 6.56
C ASN A 10 -17.70 18.52 7.68
N LYS A 11 -18.47 19.16 8.55
CA LYS A 11 -17.93 20.03 9.58
C LYS A 11 -16.83 19.31 10.40
N ARG A 12 -17.05 18.03 10.68
CA ARG A 12 -16.18 17.26 11.58
C ARG A 12 -14.96 16.60 10.95
N ILE A 13 -14.99 16.28 9.67
CA ILE A 13 -13.81 15.74 9.02
C ILE A 13 -12.75 16.86 8.96
N ILE A 14 -13.20 18.05 8.51
CA ILE A 14 -12.36 19.24 8.36
C ILE A 14 -11.83 19.67 9.75
N LYS A 15 -12.73 19.77 10.74
CA LYS A 15 -12.32 20.09 12.13
C LYS A 15 -11.26 19.08 12.66
N ASP A 16 -11.48 17.78 12.46
CA ASP A 16 -10.49 16.75 12.85
C ASP A 16 -9.20 16.72 12.05
N LEU A 17 -9.20 17.14 10.78
CA LEU A 17 -7.97 17.24 10.00
C LEU A 17 -7.14 18.42 10.54
N LYS A 18 -7.76 19.59 10.70
CA LYS A 18 -7.12 20.76 11.32
C LYS A 18 -6.50 20.39 12.66
N LEU A 19 -7.18 19.53 13.42
CA LEU A 19 -6.70 19.15 14.77
C LEU A 19 -5.50 18.21 14.65
N LEU A 20 -5.55 17.25 13.71
CA LEU A 20 -4.40 16.37 13.47
C LEU A 20 -3.14 17.12 13.02
N LEU A 21 -3.31 18.08 12.11
CA LEU A 21 -2.23 18.88 11.55
C LEU A 21 -1.56 19.72 12.61
N GLU A 22 -2.37 20.26 13.50
CA GLU A 22 -1.87 20.97 14.66
C GLU A 22 -1.01 20.10 15.59
N GLU A 23 -1.42 18.84 15.79
CA GLU A 23 -0.70 17.90 16.65
C GLU A 23 0.56 17.32 16.02
N VAL A 24 0.48 17.01 14.74
CA VAL A 24 1.61 16.55 13.95
C VAL A 24 2.76 17.57 13.84
N ASP A 25 2.45 18.87 13.94
CA ASP A 25 3.47 19.94 13.91
C ASP A 25 3.98 20.32 15.30
N ALA A 26 3.19 20.03 16.32
CA ALA A 26 3.70 20.05 17.70
C ALA A 26 4.61 18.83 18.03
N ASN A 27 4.30 17.67 17.45
CA ASN A 27 5.08 16.45 17.65
C ASN A 27 6.46 16.50 16.99
N ASN A 28 6.48 16.93 15.72
CA ASN A 28 7.72 17.12 14.91
C ASN A 28 8.55 18.36 15.32
N GLU A 29 8.61 18.60 16.63
CA GLU A 29 9.55 19.53 17.27
C GLU A 29 10.18 18.79 18.51
N ALA A 30 9.38 18.03 19.26
CA ALA A 30 9.88 17.08 20.27
C ALA A 30 10.30 15.76 19.62
N SER A 35 8.63 10.30 22.58
CA SER A 35 8.46 9.01 23.23
C SER A 35 8.93 7.83 22.35
N PRO A 36 9.78 6.93 22.91
CA PRO A 36 10.17 5.70 22.19
C PRO A 36 9.05 4.66 22.11
N HIS A 37 8.03 4.76 22.97
CA HIS A 37 6.89 3.82 23.00
C HIS A 37 5.75 4.21 22.11
N SER A 38 5.69 5.48 21.71
CA SER A 38 4.64 5.95 20.82
C SER A 38 5.13 6.03 19.37
N THR A 39 4.17 5.90 18.49
CA THR A 39 4.40 5.94 17.06
C THR A 39 4.25 7.39 16.65
N ALA A 40 5.07 7.85 15.71
CA ALA A 40 5.06 9.25 15.32
C ALA A 40 4.46 9.33 13.92
N ILE A 41 3.38 10.10 13.78
CA ILE A 41 2.85 10.46 12.46
C ILE A 41 3.57 11.75 12.09
N PHE A 42 4.26 11.76 10.95
CA PHE A 42 5.09 12.90 10.52
C PHE A 42 4.75 13.54 9.14
N SER A 43 3.82 12.95 8.38
CA SER A 43 3.26 13.58 7.20
C SER A 43 1.79 13.22 7.04
N VAL A 44 0.98 14.20 6.67
CA VAL A 44 -0.45 14.03 6.41
C VAL A 44 -0.78 14.75 5.10
N ASP A 45 -0.92 14.00 4.02
CA ASP A 45 -1.42 14.56 2.74
C ASP A 45 -2.92 14.12 2.66
N THR A 46 -3.74 14.75 1.80
CA THR A 46 -5.14 14.27 1.58
C THR A 46 -5.40 14.05 0.09
N ASP A 47 -6.55 13.48 -0.21
CA ASP A 47 -6.96 13.22 -1.59
C ASP A 47 -8.49 13.25 -1.53
N THR A 48 -9.07 14.47 -1.55
CA THR A 48 -10.45 14.66 -1.11
C THR A 48 -10.30 14.71 0.37
N ILE A 49 -11.23 15.34 1.09
CA ILE A 49 -11.16 15.34 2.57
C ILE A 49 -11.44 13.97 3.16
N TYR A 50 -11.92 13.08 2.31
CA TYR A 50 -12.41 11.75 2.67
C TYR A 50 -11.35 10.69 2.66
N ASN A 51 -10.15 11.10 2.24
CA ASN A 51 -9.08 10.21 2.11
C ASN A 51 -7.79 10.87 2.57
N TRP A 52 -7.29 10.43 3.73
CA TRP A 52 -6.06 10.97 4.26
C TRP A 52 -5.00 9.95 4.14
N ILE A 53 -3.93 10.27 3.41
CA ILE A 53 -2.73 9.44 3.31
C ILE A 53 -1.73 9.94 4.35
N LEU A 54 -1.30 9.04 5.23
CA LEU A 54 -0.33 9.35 6.29
C LEU A 54 1.02 8.61 6.10
N LYS A 55 2.10 9.22 6.63
CA LYS A 55 3.40 8.55 6.78
C LYS A 55 3.76 8.52 8.25
N VAL A 56 4.21 7.36 8.71
CA VAL A 56 4.31 7.06 10.14
C VAL A 56 5.60 6.33 10.41
N LYS A 57 6.15 6.52 11.61
CA LYS A 57 7.17 5.61 12.18
C LYS A 57 6.53 4.83 13.30
N ALA A 58 6.77 3.52 13.33
CA ALA A 58 6.46 2.76 14.55
C ALA A 58 7.41 3.18 15.70
N PRO A 59 7.04 2.84 16.96
CA PRO A 59 7.90 3.11 18.13
C PRO A 59 9.27 2.44 18.02
N ALA A 60 10.34 3.11 18.47
CA ALA A 60 11.69 2.51 18.58
C ALA A 60 11.64 1.26 19.50
N ASP A 61 10.82 1.39 20.54
CA ASP A 61 10.26 0.29 21.38
C ASP A 61 9.97 -1.06 20.69
N SER A 62 9.39 -1.05 19.49
CA SER A 62 8.81 -2.27 18.94
C SER A 62 9.62 -2.95 17.81
N VAL A 63 9.27 -4.21 17.56
CA VAL A 63 9.80 -5.03 16.46
C VAL A 63 9.76 -4.30 15.11
N TYR A 64 8.70 -3.52 14.96
CA TYR A 64 8.32 -2.77 13.73
C TYR A 64 9.01 -1.42 13.50
N GLY A 65 9.58 -0.84 14.55
CA GLY A 65 10.32 0.43 14.43
C GLY A 65 11.81 0.25 14.52
N GLY A 66 12.30 -0.93 14.15
CA GLY A 66 13.72 -1.29 14.26
C GLY A 66 14.65 -0.38 13.49
N ALA A 67 14.60 -0.44 12.16
CA ALA A 67 15.46 0.38 11.29
C ALA A 67 14.89 1.79 11.03
N GLY A 68 13.96 2.23 11.88
CA GLY A 68 13.18 3.46 11.66
C GLY A 68 12.57 3.53 10.28
N ASN A 69 11.91 2.46 9.85
CA ASN A 69 11.27 2.42 8.53
C ASN A 69 9.99 3.23 8.56
N THR A 70 9.61 3.73 7.39
CA THR A 70 8.36 4.48 7.21
C THR A 70 7.23 3.51 6.88
N TYR A 71 6.06 3.77 7.47
CA TYR A 71 4.84 3.02 7.18
C TYR A 71 3.81 3.98 6.63
N GLN A 72 3.22 3.62 5.51
CA GLN A 72 2.21 4.43 4.91
C GLN A 72 0.82 3.87 5.13
N LEU A 73 -0.10 4.78 5.50
CA LEU A 73 -1.50 4.40 5.75
C LEU A 73 -2.45 5.25 4.98
N SER A 74 -3.69 4.75 4.87
CA SER A 74 -4.85 5.47 4.31
C SER A 74 -5.94 5.48 5.36
N VAL A 75 -6.45 6.68 5.65
CA VAL A 75 -7.67 6.84 6.43
C VAL A 75 -8.79 7.26 5.48
N LEU A 76 -9.75 6.36 5.29
CA LEU A 76 -10.91 6.59 4.45
C LEU A 76 -12.19 6.88 5.28
N PHE A 77 -12.82 8.02 5.00
CA PHE A 77 -14.05 8.42 5.66
C PHE A 77 -15.27 8.16 4.80
N SER A 78 -16.45 8.27 5.42
CA SER A 78 -17.72 8.28 4.72
C SER A 78 -18.50 9.56 4.97
N ASP A 79 -19.59 9.68 4.24
CA ASP A 79 -20.46 10.85 4.33
C ASP A 79 -21.12 10.91 5.69
N ASP A 80 -21.14 9.79 6.40
CA ASP A 80 -21.78 9.71 7.72
C ASP A 80 -20.84 9.96 8.96
N TYR A 81 -19.56 10.22 8.76
CA TYR A 81 -18.73 10.64 9.87
C TYR A 81 -19.37 11.86 10.57
N PRO A 82 -19.43 11.86 11.93
CA PRO A 82 -18.73 11.00 12.93
C PRO A 82 -19.49 9.77 13.44
N HIS A 83 -20.74 9.60 13.02
CA HIS A 83 -21.54 8.42 13.36
C HIS A 83 -20.81 7.13 13.13
N GLU A 84 -20.19 6.94 11.97
CA GLU A 84 -19.20 5.83 11.81
C GLU A 84 -17.80 6.36 11.61
N PRO A 85 -16.82 5.71 12.27
CA PRO A 85 -15.46 6.13 12.16
C PRO A 85 -14.86 5.71 10.84
N PRO A 86 -13.70 6.26 10.49
CA PRO A 86 -13.02 5.92 9.25
C PRO A 86 -12.35 4.58 9.31
N THR A 87 -11.96 4.09 8.16
CA THR A 87 -11.27 2.84 8.02
C THR A 87 -9.81 3.19 7.92
N VAL A 88 -8.98 2.50 8.68
CA VAL A 88 -7.52 2.56 8.47
C VAL A 88 -7.07 1.33 7.66
N ARG A 89 -6.09 1.56 6.78
CA ARG A 89 -5.54 0.55 5.88
C ARG A 89 -4.05 0.77 5.81
N PHE A 90 -3.25 -0.28 5.81
CA PHE A 90 -1.80 -0.12 5.59
C PHE A 90 -1.55 -0.16 4.12
N VAL A 91 -0.89 0.88 3.58
CA VAL A 91 -0.42 0.87 2.21
C VAL A 91 0.88 0.07 2.15
N THR A 92 1.76 0.30 3.15
CA THR A 92 2.96 -0.52 3.33
C THR A 92 2.55 -1.91 3.82
N PRO A 93 3.10 -2.99 3.21
CA PRO A 93 2.84 -4.29 3.83
C PRO A 93 3.43 -4.36 5.23
N VAL A 94 2.75 -5.13 6.09
CA VAL A 94 3.05 -5.31 7.52
C VAL A 94 2.72 -6.78 7.85
N TYR A 95 3.73 -7.53 8.33
CA TYR A 95 3.46 -8.89 8.79
C TYR A 95 2.87 -8.76 10.19
N SER A 96 1.66 -9.27 10.38
CA SER A 96 0.92 -9.11 11.62
C SER A 96 -0.30 -10.02 11.64
N PRO A 97 -0.69 -10.46 12.86
CA PRO A 97 -1.99 -11.12 13.04
C PRO A 97 -3.21 -10.20 12.81
N LEU A 98 -2.99 -8.89 12.90
CA LEU A 98 -4.10 -7.92 12.88
C LEU A 98 -4.32 -7.26 11.45
N VAL A 99 -3.36 -7.52 10.55
CA VAL A 99 -3.39 -6.95 9.19
C VAL A 99 -3.39 -8.05 8.10
N THR A 100 -4.21 -7.88 7.08
CA THR A 100 -4.26 -8.83 5.94
C THR A 100 -3.16 -8.54 4.90
N GLY A 101 -3.00 -9.40 3.89
CA GLY A 101 -2.13 -9.07 2.76
C GLY A 101 -2.62 -7.90 1.89
N GLU A 102 -3.87 -7.47 2.07
CA GLU A 102 -4.42 -6.29 1.37
C GLU A 102 -4.10 -4.99 2.15
N GLY A 103 -3.70 -5.12 3.40
CA GLY A 103 -3.58 -3.97 4.33
C GLY A 103 -4.82 -3.71 5.19
N GLY A 104 -5.80 -4.61 5.15
CA GLY A 104 -7.05 -4.48 5.89
C GLY A 104 -6.89 -4.73 7.39
N ILE A 105 -7.72 -4.06 8.18
CA ILE A 105 -7.93 -4.45 9.56
C ILE A 105 -9.43 -4.71 9.81
N CYS A 106 -9.68 -5.54 10.82
CA CYS A 106 -11.01 -5.86 11.25
C CYS A 106 -11.66 -4.57 11.73
N ASP A 107 -12.91 -4.33 11.36
CA ASP A 107 -13.58 -3.10 11.80
C ASP A 107 -13.75 -3.10 13.29
N ARG A 108 -13.71 -4.27 13.91
CA ARG A 108 -13.95 -4.36 15.33
C ARG A 108 -12.91 -3.63 16.12
N MET A 109 -11.68 -3.63 15.62
CA MET A 109 -10.61 -2.96 16.30
C MET A 109 -11.01 -1.57 16.70
N VAL A 110 -11.67 -0.86 15.79
CA VAL A 110 -12.06 0.52 16.03
C VAL A 110 -13.50 0.62 16.50
N ASN A 111 -14.36 -0.24 15.97
CA ASN A 111 -15.83 -0.07 16.10
C ASN A 111 -16.39 -0.48 17.43
N ASP A 112 -15.73 -1.41 18.11
CA ASP A 112 -16.14 -1.80 19.46
C ASP A 112 -16.06 -0.63 20.44
N PHE A 113 -15.16 0.30 20.16
CA PHE A 113 -14.78 1.37 21.11
C PHE A 113 -15.16 2.79 20.63
N TRP A 114 -15.87 2.87 19.53
CA TRP A 114 -16.16 4.17 18.93
C TRP A 114 -17.33 4.81 19.60
N THR A 115 -17.21 6.09 19.90
CA THR A 115 -18.31 6.97 20.22
C THR A 115 -18.10 8.23 19.36
N PRO A 116 -19.17 8.84 18.86
CA PRO A 116 -19.09 9.97 17.86
C PRO A 116 -18.38 11.27 18.39
N ASP A 117 -18.32 11.36 19.69
CA ASP A 117 -17.52 12.24 20.53
C ASP A 117 -16.00 12.32 20.12
N GLN A 118 -15.44 11.17 19.75
CA GLN A 118 -14.00 11.02 19.54
C GLN A 118 -13.52 11.53 18.18
N HIS A 119 -12.19 11.71 18.08
CA HIS A 119 -11.57 12.38 16.94
C HIS A 119 -10.79 11.42 16.07
N ALA A 120 -10.68 11.73 14.79
CA ALA A 120 -9.86 10.96 13.83
C ALA A 120 -8.50 10.63 14.38
N SER A 121 -7.84 11.61 15.01
CA SER A 121 -6.61 11.39 15.79
C SER A 121 -6.64 10.20 16.72
N ASP A 122 -7.72 10.10 17.49
CA ASP A 122 -7.90 9.02 18.50
C ASP A 122 -7.97 7.65 17.82
N VAL A 123 -8.67 7.59 16.70
CA VAL A 123 -8.76 6.39 15.89
C VAL A 123 -7.39 5.97 15.34
N ILE A 124 -6.61 6.97 14.95
CA ILE A 124 -5.33 6.68 14.30
C ILE A 124 -4.35 6.20 15.35
N LYS A 125 -4.36 6.82 16.52
CA LYS A 125 -3.46 6.41 17.58
C LYS A 125 -3.82 5.05 18.12
N LEU A 126 -5.11 4.72 18.16
CA LEU A 126 -5.55 3.42 18.69
C LEU A 126 -5.04 2.29 17.83
N VAL A 127 -5.02 2.50 16.53
CA VAL A 127 -4.68 1.46 15.57
C VAL A 127 -3.19 1.24 15.50
N LEU A 128 -2.44 2.35 15.53
CA LEU A 128 -0.97 2.28 15.46
C LEU A 128 -0.44 1.56 16.68
N ASP A 129 -0.97 1.92 17.84
CA ASP A 129 -0.59 1.30 19.09
C ASP A 129 -0.99 -0.18 19.14
N ARG A 130 -2.19 -0.45 18.69
CA ARG A 130 -2.71 -1.82 18.73
C ARG A 130 -1.83 -2.75 17.91
N VAL A 131 -1.48 -2.31 16.70
CA VAL A 131 -0.75 -3.16 15.77
C VAL A 131 0.76 -3.24 16.03
N PHE A 132 1.36 -2.08 16.30
CA PHE A 132 2.80 -2.01 16.52
C PHE A 132 3.24 -2.40 17.93
N SER A 133 2.34 -2.19 18.90
CA SER A 133 2.68 -2.28 20.32
C SER A 133 1.86 -3.23 21.16
N GLN A 134 0.56 -3.38 20.90
CA GLN A 134 -0.25 -4.25 21.74
C GLN A 134 -0.68 -5.50 21.01
N TYR A 135 0.11 -5.94 20.05
CA TYR A 135 -0.31 -7.07 19.23
C TYR A 135 -0.35 -8.42 19.95
N LYS A 136 0.54 -8.61 20.95
CA LYS A 136 0.65 -9.90 21.70
C LYS A 136 -0.63 -10.33 22.38
N SER A 137 -1.48 -9.38 22.78
CA SER A 137 -2.76 -9.69 23.45
C SER A 137 -3.92 -9.77 22.44
N ARG A 138 -4.36 -11.00 22.24
CA ARG A 138 -5.38 -11.33 21.28
C ARG A 138 -6.77 -10.85 21.72
N ARG A 139 -7.58 -10.36 20.77
CA ARG A 139 -9.02 -10.09 21.00
C ARG A 139 -9.92 -10.68 19.90
N ASP A 140 -10.78 -9.85 19.32
CA ASP A 140 -11.78 -10.31 18.36
C ASP A 140 -11.47 -9.68 17.01
N ASP A 141 -10.25 -9.13 16.88
CA ASP A 141 -9.81 -8.34 15.70
C ASP A 141 -8.64 -8.97 14.93
N ASP A 142 -8.38 -10.23 15.18
CA ASP A 142 -7.43 -10.99 14.39
C ASP A 142 -7.98 -11.22 12.99
N VAL A 143 -7.16 -10.89 11.97
CA VAL A 143 -7.50 -11.06 10.55
C VAL A 143 -6.56 -12.03 9.82
N ASN A 144 -5.42 -12.36 10.44
CA ASN A 144 -4.36 -13.18 9.83
C ASN A 144 -3.96 -14.25 10.81
N PRO A 145 -4.62 -15.41 10.79
CA PRO A 145 -4.38 -16.40 11.83
C PRO A 145 -3.07 -17.21 11.68
N GLU A 146 -2.50 -17.30 10.48
CA GLU A 146 -1.17 -17.84 10.32
C GLU A 146 -0.13 -16.98 11.06
N ALA A 147 -0.28 -15.66 11.00
CA ALA A 147 0.62 -14.80 11.77
C ALA A 147 0.41 -14.95 13.31
N ARG A 148 -0.83 -15.15 13.75
CA ARG A 148 -1.10 -15.35 15.18
C ARG A 148 -0.48 -16.67 15.68
N HIS A 149 -0.73 -17.74 14.95
CA HIS A 149 -0.15 -19.04 15.27
C HIS A 149 1.35 -19.00 15.36
N TYR A 150 1.98 -18.28 14.46
CA TYR A 150 3.41 -18.19 14.42
C TYR A 150 3.99 -17.37 15.58
N LEU A 151 3.37 -16.23 15.90
CA LEU A 151 3.75 -15.50 17.14
C LEU A 151 3.62 -16.36 18.41
N GLU A 152 2.52 -17.10 18.47
CA GLU A 152 2.19 -17.88 19.67
C GLU A 152 3.19 -19.01 19.92
N LYS A 153 3.71 -19.58 18.85
CA LYS A 153 4.60 -20.74 18.97
C LYS A 153 6.04 -20.51 18.57
N PHE A 154 6.30 -19.45 17.85
CA PHE A 154 7.67 -19.06 17.56
C PHE A 154 7.85 -17.57 17.78
N PRO A 155 7.65 -17.13 19.05
CA PRO A 155 7.74 -15.70 19.41
C PRO A 155 8.99 -15.04 18.86
N GLN A 156 10.09 -15.77 18.96
CA GLN A 156 11.40 -15.25 18.58
C GLN A 156 11.58 -15.26 17.03
N ASP A 157 11.12 -16.31 16.34
CA ASP A 157 11.23 -16.40 14.88
C ASP A 157 10.28 -15.41 14.18
N PHE A 158 9.16 -15.07 14.85
CA PHE A 158 8.19 -14.05 14.39
C PHE A 158 8.83 -12.65 14.30
N ALA A 159 9.66 -12.32 15.30
CA ALA A 159 10.43 -11.07 15.31
C ALA A 159 11.37 -10.93 14.10
N ALA A 160 12.21 -11.96 13.87
CA ALA A 160 13.17 -11.97 12.74
C ALA A 160 12.45 -11.79 11.41
N ARG A 161 11.25 -12.33 11.35
CA ARG A 161 10.38 -12.26 10.18
C ARG A 161 9.78 -10.85 9.96
N VAL A 162 9.49 -10.11 11.03
CA VAL A 162 8.99 -8.74 10.90
C VAL A 162 10.08 -7.86 10.29
N ARG A 163 11.34 -8.05 10.72
CA ARG A 163 12.46 -7.30 10.15
C ARG A 163 12.78 -7.66 8.72
N ARG A 164 12.29 -8.79 8.24
CA ARG A 164 12.36 -9.11 6.83
C ARG A 164 11.28 -8.29 6.10
N GLY A 165 10.01 -8.69 6.14
CA GLY A 165 8.92 -7.85 5.62
C GLY A 165 7.51 -8.25 6.02
N MET B 5 -10.26 -15.56 2.68
CA MET B 5 -9.50 -16.27 1.61
C MET B 5 -8.68 -17.47 2.19
N LYS B 6 -8.58 -18.58 1.43
CA LYS B 6 -7.92 -19.82 1.87
C LYS B 6 -6.48 -19.97 1.27
N ASN B 7 -5.59 -20.58 2.05
CA ASN B 7 -4.17 -20.81 1.70
C ASN B 7 -4.00 -22.28 1.28
N ILE B 8 -4.22 -22.54 -0.01
CA ILE B 8 -4.35 -23.91 -0.54
C ILE B 8 -3.48 -24.02 -1.83
N SER B 9 -3.06 -25.24 -2.24
CA SER B 9 -2.19 -25.41 -3.43
C SER B 9 -2.92 -24.75 -4.61
N ASN B 10 -2.18 -23.95 -5.39
CA ASN B 10 -2.58 -23.51 -6.77
C ASN B 10 -1.40 -23.88 -7.73
N LYS B 11 -1.58 -24.86 -8.59
CA LYS B 11 -0.49 -25.30 -9.51
C LYS B 11 0.11 -24.09 -10.25
N ARG B 12 -0.76 -23.12 -10.61
CA ARG B 12 -0.38 -21.98 -11.47
C ARG B 12 0.23 -20.77 -10.76
N ILE B 13 -0.10 -20.51 -9.51
CA ILE B 13 0.55 -19.44 -8.76
C ILE B 13 2.01 -19.79 -8.52
N ILE B 14 2.22 -21.03 -8.06
CA ILE B 14 3.56 -21.60 -7.83
C ILE B 14 4.37 -21.68 -9.16
N LYS B 15 3.77 -22.26 -10.22
CA LYS B 15 4.41 -22.34 -11.55
C LYS B 15 4.82 -20.96 -12.06
N ASP B 16 3.92 -19.97 -11.93
CA ASP B 16 4.27 -18.59 -12.32
C ASP B 16 5.28 -17.89 -11.42
N LEU B 17 5.35 -18.21 -10.12
CA LEU B 17 6.35 -17.61 -9.21
C LEU B 17 7.72 -18.17 -9.62
N LYS B 18 7.80 -19.49 -9.81
CA LYS B 18 9.01 -20.13 -10.34
C LYS B 18 9.46 -19.47 -11.64
N LEU B 19 8.51 -19.13 -12.51
CA LEU B 19 8.85 -18.50 -13.80
C LEU B 19 9.35 -17.07 -13.61
N LEU B 20 8.73 -16.32 -12.70
CA LEU B 20 9.21 -14.98 -12.36
C LEU B 20 10.62 -14.97 -11.75
N LEU B 21 10.88 -15.89 -10.82
CA LEU B 21 12.16 -16.04 -10.15
C LEU B 21 13.28 -16.38 -11.14
N GLU B 22 12.97 -17.25 -12.09
CA GLU B 22 13.89 -17.59 -13.16
C GLU B 22 14.27 -16.35 -14.01
N GLU B 23 13.28 -15.48 -14.27
CA GLU B 23 13.50 -14.28 -15.09
C GLU B 23 14.25 -13.19 -14.35
N VAL B 24 13.90 -13.00 -13.09
CA VAL B 24 14.54 -12.02 -12.21
C VAL B 24 16.01 -12.32 -11.91
N ASP B 25 16.42 -13.59 -12.02
CA ASP B 25 17.83 -14.00 -11.86
C ASP B 25 18.61 -14.05 -13.17
N ALA B 26 17.90 -14.19 -14.27
CA ALA B 26 18.47 -13.98 -15.60
C ALA B 26 18.68 -12.47 -15.91
N ASN B 27 17.79 -11.60 -15.39
CA ASN B 27 17.88 -10.13 -15.56
C ASN B 27 19.06 -9.54 -14.76
N ASN B 28 19.15 -9.92 -13.46
CA ASN B 28 20.25 -9.52 -12.54
C ASN B 28 21.60 -10.21 -12.82
N GLU B 29 21.91 -10.35 -14.11
CA GLU B 29 23.25 -10.70 -14.62
C GLU B 29 23.61 -9.79 -15.84
N ALA B 30 22.67 -9.61 -16.79
CA ALA B 30 22.89 -8.76 -17.98
C ALA B 30 22.57 -7.29 -17.70
N SER B 35 18.38 -3.28 -20.72
CA SER B 35 17.60 -2.35 -21.53
C SER B 35 17.26 -1.05 -20.78
N PRO B 36 17.54 0.11 -21.42
CA PRO B 36 17.13 1.40 -20.85
C PRO B 36 15.62 1.66 -20.94
N HIS B 37 14.92 0.96 -21.84
CA HIS B 37 13.47 1.15 -22.06
C HIS B 37 12.61 0.25 -21.21
N SER B 38 13.20 -0.83 -20.69
CA SER B 38 12.46 -1.74 -19.82
C SER B 38 12.75 -1.48 -18.36
N THR B 39 11.76 -1.83 -17.57
CA THR B 39 11.80 -1.66 -16.13
C THR B 39 12.33 -2.99 -15.56
N ALA B 40 13.21 -2.91 -14.56
CA ALA B 40 13.88 -4.10 -14.06
C ALA B 40 13.29 -4.46 -12.68
N ILE B 41 12.81 -5.71 -12.53
CA ILE B 41 12.43 -6.24 -11.24
C ILE B 41 13.67 -6.90 -10.65
N PHE B 42 14.08 -6.48 -9.45
CA PHE B 42 15.34 -6.98 -8.84
C PHE B 42 15.24 -7.65 -7.47
N SER B 43 14.05 -7.64 -6.86
CA SER B 43 13.77 -8.43 -5.65
C SER B 43 12.33 -8.93 -5.66
N VAL B 44 12.15 -10.18 -5.24
CA VAL B 44 10.86 -10.83 -5.21
C VAL B 44 10.68 -11.62 -3.92
N ASP B 45 10.06 -11.02 -2.91
CA ASP B 45 9.78 -11.70 -1.65
C ASP B 45 8.29 -12.05 -1.69
N THR B 46 7.86 -13.02 -0.90
CA THR B 46 6.46 -13.40 -0.84
C THR B 46 6.03 -13.50 0.60
N ASP B 47 4.74 -13.65 0.82
CA ASP B 47 4.17 -13.71 2.15
C ASP B 47 2.94 -14.61 1.99
N THR B 48 3.16 -15.94 1.97
CA THR B 48 2.20 -16.85 1.37
C THR B 48 2.47 -16.74 -0.10
N ILE B 49 2.05 -17.75 -0.86
CA ILE B 49 2.22 -17.68 -2.33
C ILE B 49 1.24 -16.70 -2.96
N TYR B 50 0.29 -16.23 -2.17
CA TYR B 50 -0.79 -15.34 -2.62
C TYR B 50 -0.44 -13.83 -2.58
N ASN B 51 0.71 -13.51 -2.03
CA ASN B 51 1.10 -12.12 -1.80
C ASN B 51 2.58 -11.99 -2.16
N TRP B 52 2.85 -11.38 -3.31
CA TRP B 52 4.22 -11.20 -3.73
C TRP B 52 4.57 -9.76 -3.63
N ILE B 53 5.58 -9.43 -2.83
CA ILE B 53 6.12 -8.08 -2.74
C ILE B 53 7.33 -7.97 -3.66
N LEU B 54 7.31 -7.02 -4.57
CA LEU B 54 8.39 -6.80 -5.53
C LEU B 54 9.09 -5.46 -5.32
N LYS B 55 10.36 -5.40 -5.70
CA LYS B 55 11.08 -4.14 -5.80
C LYS B 55 11.56 -3.96 -7.24
N VAL B 56 11.39 -2.75 -7.77
CA VAL B 56 11.49 -2.48 -9.21
C VAL B 56 12.22 -1.18 -9.46
N LYS B 57 12.95 -1.11 -10.57
CA LYS B 57 13.45 0.18 -11.11
C LYS B 57 12.63 0.50 -12.35
N ALA B 58 12.18 1.74 -12.50
CA ALA B 58 11.65 2.21 -13.79
C ALA B 58 12.80 2.29 -14.85
N PRO B 59 12.44 2.36 -16.17
CA PRO B 59 13.42 2.51 -17.26
C PRO B 59 14.22 3.79 -17.10
N ALA B 60 15.51 3.76 -17.43
CA ALA B 60 16.37 4.96 -17.45
C ALA B 60 15.80 5.98 -18.46
N ASP B 61 15.27 5.43 -19.56
CA ASP B 61 14.30 6.07 -20.49
C ASP B 61 13.29 7.11 -19.92
N SER B 62 12.65 6.82 -18.79
CA SER B 62 11.46 7.56 -18.38
C SER B 62 11.69 8.57 -17.25
N VAL B 63 10.72 9.47 -17.11
CA VAL B 63 10.68 10.50 -16.04
C VAL B 63 10.84 9.89 -14.67
N TYR B 64 10.33 8.65 -14.55
CA TYR B 64 10.27 7.89 -13.29
C TYR B 64 11.56 7.17 -12.89
N GLY B 65 12.44 6.91 -13.84
CA GLY B 65 13.69 6.21 -13.58
C GLY B 65 14.90 7.12 -13.60
N GLY B 66 14.67 8.40 -13.37
CA GLY B 66 15.71 9.43 -13.48
C GLY B 66 16.88 9.22 -12.53
N ALA B 67 16.67 9.45 -11.24
CA ALA B 67 17.74 9.30 -10.22
C ALA B 67 17.82 7.83 -9.69
N GLY B 68 17.42 6.87 -10.53
CA GLY B 68 17.41 5.45 -10.19
C GLY B 68 16.79 5.11 -8.85
N ASN B 69 15.55 5.56 -8.63
CA ASN B 69 14.83 5.24 -7.41
C ASN B 69 14.19 3.85 -7.51
N THR B 70 13.98 3.24 -6.34
CA THR B 70 13.30 1.96 -6.25
C THR B 70 11.80 2.21 -6.07
N TYR B 71 10.99 1.37 -6.72
CA TYR B 71 9.56 1.36 -6.56
C TYR B 71 9.14 0.01 -5.99
N GLN B 72 8.39 0.04 -4.89
CA GLN B 72 7.89 -1.17 -4.31
C GLN B 72 6.41 -1.42 -4.69
N LEU B 73 6.11 -2.68 -5.02
CA LEU B 73 4.76 -3.12 -5.40
C LEU B 73 4.28 -4.38 -4.63
N SER B 74 2.95 -4.59 -4.64
CA SER B 74 2.31 -5.82 -4.14
C SER B 74 1.53 -6.46 -5.24
N VAL B 75 1.73 -7.77 -5.41
CA VAL B 75 0.86 -8.58 -6.26
C VAL B 75 0.07 -9.55 -5.38
N LEU B 76 -1.23 -9.28 -5.22
CA LEU B 76 -2.14 -10.13 -4.44
C LEU B 76 -2.97 -11.04 -5.37
N PHE B 77 -2.95 -12.34 -5.08
CA PHE B 77 -3.76 -13.33 -5.80
C PHE B 77 -4.99 -13.71 -5.01
N SER B 78 -5.92 -14.42 -5.67
CA SER B 78 -7.19 -14.90 -5.07
C SER B 78 -7.36 -16.43 -5.20
N ASP B 79 -8.49 -16.91 -4.65
CA ASP B 79 -8.82 -18.34 -4.72
C ASP B 79 -8.99 -18.77 -6.17
N ASP B 80 -9.25 -17.82 -7.08
CA ASP B 80 -9.62 -18.15 -8.45
C ASP B 80 -8.52 -18.06 -9.55
N TYR B 81 -7.29 -17.69 -9.21
CA TYR B 81 -6.22 -17.61 -10.24
C TYR B 81 -6.01 -18.97 -10.90
N PRO B 82 -5.89 -19.02 -12.24
CA PRO B 82 -5.72 -17.95 -13.24
C PRO B 82 -6.98 -17.32 -13.85
N HIS B 83 -8.15 -17.85 -13.55
CA HIS B 83 -9.38 -17.31 -14.08
C HIS B 83 -9.41 -15.81 -13.93
N GLU B 84 -9.12 -15.30 -12.72
CA GLU B 84 -9.00 -13.87 -12.54
C GLU B 84 -7.59 -13.52 -12.12
N PRO B 85 -7.01 -12.48 -12.75
CA PRO B 85 -5.61 -12.16 -12.52
C PRO B 85 -5.45 -11.48 -11.18
N PRO B 86 -4.21 -11.35 -10.68
CA PRO B 86 -3.89 -10.67 -9.42
C PRO B 86 -4.06 -9.19 -9.46
N THR B 87 -4.10 -8.58 -8.29
CA THR B 87 -4.29 -7.16 -8.12
C THR B 87 -2.93 -6.54 -7.77
N VAL B 88 -2.49 -5.62 -8.63
CA VAL B 88 -1.23 -4.91 -8.47
C VAL B 88 -1.47 -3.53 -7.81
N ARG B 89 -0.53 -3.09 -6.95
CA ARG B 89 -0.62 -1.76 -6.35
C ARG B 89 0.76 -1.26 -5.97
N PHE B 90 0.92 0.05 -5.91
CA PHE B 90 2.19 0.66 -5.58
C PHE B 90 2.26 1.00 -4.08
N VAL B 91 3.30 0.48 -3.42
CA VAL B 91 3.59 0.80 -2.05
C VAL B 91 4.37 2.10 -1.98
N THR B 92 5.30 2.28 -2.92
CA THR B 92 5.95 3.58 -3.14
C THR B 92 4.92 4.53 -3.79
N PRO B 93 4.82 5.77 -3.29
CA PRO B 93 3.97 6.69 -4.04
C PRO B 93 4.50 6.94 -5.44
N VAL B 94 3.56 7.22 -6.35
CA VAL B 94 3.82 7.57 -7.76
C VAL B 94 2.81 8.62 -8.20
N TYR B 95 3.31 9.74 -8.67
CA TYR B 95 2.44 10.73 -9.31
C TYR B 95 2.16 10.26 -10.75
N SER B 96 0.89 10.07 -11.07
CA SER B 96 0.49 9.48 -12.32
C SER B 96 -1.01 9.63 -12.50
N PRO B 97 -1.46 9.74 -13.78
CA PRO B 97 -2.88 9.62 -14.09
C PRO B 97 -3.47 8.23 -13.84
N LEU B 98 -2.61 7.22 -13.83
CA LEU B 98 -3.03 5.79 -13.86
C LEU B 98 -2.85 5.11 -12.48
N VAL B 99 -2.43 5.89 -11.47
CA VAL B 99 -2.32 5.49 -10.06
C VAL B 99 -3.00 6.49 -9.06
N THR B 100 -3.69 5.98 -8.05
CA THR B 100 -4.29 6.85 -7.02
C THR B 100 -3.20 7.30 -5.99
N GLY B 101 -3.53 8.24 -5.13
CA GLY B 101 -2.62 8.62 -4.06
C GLY B 101 -2.40 7.52 -3.01
N GLU B 102 -3.21 6.46 -3.05
CA GLU B 102 -3.15 5.33 -2.14
C GLU B 102 -2.56 4.10 -2.88
N GLY B 103 -2.02 4.31 -4.08
CA GLY B 103 -1.30 3.26 -4.80
C GLY B 103 -2.14 2.34 -5.66
N GLY B 104 -3.44 2.61 -5.79
CA GLY B 104 -4.36 1.76 -6.57
C GLY B 104 -4.21 1.96 -8.06
N ILE B 105 -4.47 0.91 -8.84
CA ILE B 105 -4.65 1.03 -10.28
C ILE B 105 -6.06 0.49 -10.69
N CYS B 106 -6.59 0.99 -11.80
CA CYS B 106 -7.87 0.53 -12.33
C CYS B 106 -7.74 -0.93 -12.72
N ASP B 107 -8.75 -1.76 -12.38
CA ASP B 107 -8.69 -3.20 -12.72
C ASP B 107 -8.73 -3.39 -14.22
N ARG B 108 -9.20 -2.37 -14.94
CA ARG B 108 -9.26 -2.47 -16.39
C ARG B 108 -7.90 -2.57 -17.08
N MET B 109 -6.92 -1.90 -16.51
CA MET B 109 -5.57 -1.93 -17.05
C MET B 109 -5.11 -3.34 -17.33
N VAL B 110 -5.40 -4.26 -16.42
CA VAL B 110 -5.04 -5.65 -16.57
C VAL B 110 -6.20 -6.50 -17.12
N ASN B 111 -7.43 -6.20 -16.71
CA ASN B 111 -8.57 -7.11 -16.93
C ASN B 111 -9.16 -7.11 -18.32
N ASP B 112 -9.03 -6.00 -19.04
CA ASP B 112 -9.49 -5.93 -20.43
C ASP B 112 -8.74 -6.93 -21.32
N PHE B 113 -7.49 -7.22 -20.94
CA PHE B 113 -6.53 -7.97 -21.76
C PHE B 113 -6.16 -9.34 -21.21
N TRP B 114 -6.83 -9.75 -20.15
CA TRP B 114 -6.48 -10.97 -19.48
C TRP B 114 -7.09 -12.13 -20.19
N THR B 115 -6.26 -13.14 -20.43
CA THR B 115 -6.72 -14.48 -20.76
C THR B 115 -6.00 -15.39 -19.78
N PRO B 116 -6.68 -16.42 -19.30
CA PRO B 116 -6.14 -17.29 -18.24
C PRO B 116 -4.81 -17.98 -18.54
N ASP B 117 -4.49 -18.17 -19.80
CA ASP B 117 -3.21 -18.79 -20.13
C ASP B 117 -1.99 -17.89 -19.99
N GLN B 118 -2.15 -16.58 -19.80
CA GLN B 118 -1.03 -15.69 -19.55
C GLN B 118 -0.51 -15.84 -18.12
N HIS B 119 0.67 -15.26 -17.87
CA HIS B 119 1.41 -15.45 -16.62
C HIS B 119 1.45 -14.21 -15.76
N ALA B 120 1.54 -14.39 -14.45
CA ALA B 120 1.70 -13.31 -13.51
C ALA B 120 2.78 -12.33 -13.95
N SER B 121 3.92 -12.84 -14.44
CA SER B 121 4.97 -12.01 -15.15
C SER B 121 4.47 -11.06 -16.21
N ASP B 122 3.59 -11.55 -17.05
CA ASP B 122 3.00 -10.77 -18.11
C ASP B 122 2.17 -9.60 -17.54
N VAL B 123 1.39 -9.88 -16.50
CA VAL B 123 0.57 -8.87 -15.82
C VAL B 123 1.45 -7.80 -15.19
N ILE B 124 2.57 -8.21 -14.66
CA ILE B 124 3.44 -7.27 -13.99
C ILE B 124 4.17 -6.39 -15.02
N LYS B 125 4.64 -6.99 -16.11
CA LYS B 125 5.33 -6.22 -17.14
C LYS B 125 4.38 -5.28 -17.85
N LEU B 126 3.12 -5.66 -18.00
CA LEU B 126 2.12 -4.79 -18.68
C LEU B 126 1.89 -3.48 -17.88
N VAL B 127 1.84 -3.61 -16.55
CA VAL B 127 1.47 -2.54 -15.67
C VAL B 127 2.63 -1.56 -15.49
N LEU B 128 3.84 -2.10 -15.38
CA LEU B 128 5.04 -1.26 -15.21
C LEU B 128 5.31 -0.44 -16.47
N ASP B 129 5.17 -1.08 -17.63
CA ASP B 129 5.35 -0.40 -18.94
C ASP B 129 4.26 0.64 -19.21
N ARG B 130 3.02 0.27 -18.86
CA ARG B 130 1.87 1.14 -19.03
C ARG B 130 2.01 2.41 -18.20
N VAL B 131 2.39 2.26 -16.94
CA VAL B 131 2.53 3.39 -16.01
C VAL B 131 3.82 4.23 -16.21
N PHE B 132 4.96 3.56 -16.35
CA PHE B 132 6.26 4.24 -16.42
C PHE B 132 6.59 4.74 -17.82
N SER B 133 6.01 4.08 -18.84
CA SER B 133 6.38 4.32 -20.25
C SER B 133 5.25 4.70 -21.23
N GLN B 134 4.06 4.10 -21.14
CA GLN B 134 3.01 4.42 -22.10
C GLN B 134 1.92 5.27 -21.48
N TYR B 135 2.24 6.07 -20.47
CA TYR B 135 1.22 6.84 -19.76
C TYR B 135 0.54 7.93 -20.60
N LYS B 136 1.27 8.52 -21.56
CA LYS B 136 0.76 9.60 -22.42
C LYS B 136 -0.48 9.23 -23.23
N SER B 137 -0.62 7.94 -23.57
CA SER B 137 -1.75 7.42 -24.34
C SER B 137 -2.93 7.07 -23.43
N ARG B 138 -3.96 7.91 -23.44
CA ARG B 138 -5.12 7.74 -22.57
C ARG B 138 -6.06 6.62 -23.00
N ARG B 139 -6.60 5.86 -22.03
CA ARG B 139 -7.65 4.84 -22.31
C ARG B 139 -8.82 4.91 -21.32
N ASP B 140 -9.16 3.80 -20.71
CA ASP B 140 -10.30 3.68 -19.80
C ASP B 140 -9.81 3.33 -18.39
N ASP B 141 -8.50 3.51 -18.15
CA ASP B 141 -7.82 3.07 -16.93
C ASP B 141 -7.22 4.25 -16.15
N ASP B 142 -7.61 5.46 -16.51
CA ASP B 142 -7.29 6.65 -15.73
C ASP B 142 -8.06 6.61 -14.42
N VAL B 143 -7.34 6.82 -13.31
CA VAL B 143 -7.89 6.85 -11.93
C VAL B 143 -7.51 8.16 -11.19
N ASN B 144 -6.67 9.00 -11.79
CA ASN B 144 -6.28 10.31 -11.22
C ASN B 144 -6.40 11.40 -12.29
N PRO B 145 -7.58 12.06 -12.37
CA PRO B 145 -7.82 12.98 -13.50
C PRO B 145 -7.14 14.35 -13.37
N GLU B 146 -6.81 14.76 -12.15
CA GLU B 146 -5.94 15.94 -12.00
C GLU B 146 -4.57 15.69 -12.59
N ALA B 147 -4.02 14.49 -12.42
CA ALA B 147 -2.73 14.16 -13.00
C ALA B 147 -2.81 14.16 -14.55
N ARG B 148 -3.92 13.68 -15.10
CA ARG B 148 -4.09 13.65 -16.55
C ARG B 148 -4.18 15.08 -17.12
N HIS B 149 -5.04 15.89 -16.52
N HIS B 149 -5.02 15.90 -16.51
CA HIS B 149 -5.18 17.29 -16.89
CA HIS B 149 -5.16 17.31 -16.90
C HIS B 149 -3.86 18.02 -16.86
C HIS B 149 -3.83 17.98 -16.90
N TYR B 150 -3.05 17.76 -15.84
CA TYR B 150 -1.76 18.45 -15.65
C TYR B 150 -0.68 18.04 -16.66
N LEU B 151 -0.60 16.74 -16.97
CA LEU B 151 0.20 16.27 -18.10
C LEU B 151 -0.22 16.91 -19.42
N GLU B 152 -1.53 16.95 -19.64
CA GLU B 152 -2.09 17.39 -20.93
C GLU B 152 -1.83 18.86 -21.18
N LYS B 153 -1.83 19.66 -20.13
CA LYS B 153 -1.67 21.10 -20.28
C LYS B 153 -0.34 21.66 -19.77
N PHE B 154 0.38 20.92 -18.93
CA PHE B 154 1.72 21.33 -18.51
C PHE B 154 2.68 20.17 -18.60
N PRO B 155 2.85 19.61 -19.83
CA PRO B 155 3.68 18.41 -20.06
C PRO B 155 5.01 18.56 -19.35
N GLN B 156 5.55 19.76 -19.40
CA GLN B 156 6.86 20.04 -18.86
C GLN B 156 6.86 20.11 -17.33
N ASP B 157 5.88 20.81 -16.77
CA ASP B 157 5.78 20.97 -15.32
C ASP B 157 5.42 19.65 -14.65
N PHE B 158 4.72 18.77 -15.38
CA PHE B 158 4.40 17.39 -14.93
C PHE B 158 5.67 16.55 -14.72
N ALA B 159 6.62 16.66 -15.64
CA ALA B 159 7.92 15.98 -15.56
C ALA B 159 8.69 16.40 -14.30
N ALA B 160 8.87 17.71 -14.11
CA ALA B 160 9.62 18.25 -12.96
C ALA B 160 8.97 17.80 -11.65
N ARG B 161 7.63 17.62 -11.65
CA ARG B 161 6.86 17.13 -10.48
C ARG B 161 7.10 15.65 -10.17
N VAL B 162 7.27 14.83 -11.20
CA VAL B 162 7.54 13.41 -11.00
C VAL B 162 8.91 13.24 -10.30
N ARG B 163 9.89 14.07 -10.69
CA ARG B 163 11.19 14.10 -10.02
C ARG B 163 11.13 14.82 -8.65
N ARG B 164 10.26 14.36 -7.74
CA ARG B 164 10.08 15.01 -6.43
C ARG B 164 9.19 14.18 -5.49
#